data_1Y3G
#
_entry.id   1Y3G
#
_cell.length_a   93.520
_cell.length_b   93.520
_cell.length_c   131.770
_cell.angle_alpha   90.00
_cell.angle_beta   90.00
_cell.angle_gamma   120.00
#
_symmetry.space_group_name_H-M   'P 61 2 2'
#
loop_
_entity.id
_entity.type
_entity.pdbx_description
1 polymer Thermolysin
2 non-polymer 'CALCIUM ION'
3 non-polymer 'ZINC ION'
4 non-polymer 'DIMETHYL SULFOXIDE'
5 non-polymer 3-PHENYLPROPANAL
6 non-polymer (2S)-2-{[(AMINOMETHYL)(DIHYDROXY)SILYL]METHYL}-4-METHYLPENTANAL
7 non-polymer LEUCINE
8 water water
#
_entity_poly.entity_id   1
_entity_poly.type   'polypeptide(L)'
_entity_poly.pdbx_seq_one_letter_code
;ITGTSTVGVGRGVLGDQKNINTTYSTYYYLQDNTRGNGIFTYDAKYRTTLPGSLWADADNQFFASYDAPAVDAHYYAGVT
YDYYKNVHNRLSYDGNNAAIRSSVHYSQGYNNAFWNGSQMVYGDGDGQTFIPLSGGIDVVAHELTHAVTDYTAGLIYQNE
SGAINEAISDIFGTLVEFYANKNPDWEIGEDVYTPGISGDSLRSMSDPAKYGDPDHYSKRYTGTQDNGGVHINSGIINKA
AYLISQGGTHYGVSVVGIGRDKLGKIFYRALTQYLTPTSNFSQLRAAAVQSATDLYGSTSQEVASVKQAFDAVGVK
;
_entity_poly.pdbx_strand_id   E
#
# COMPACT_ATOMS: atom_id res chain seq x y z
N ILE A 1 8.94 1.45 -24.69
CA ILE A 1 9.12 1.39 -26.12
C ILE A 1 8.04 2.16 -26.88
N THR A 2 8.29 2.37 -28.16
CA THR A 2 7.34 3.04 -29.01
C THR A 2 6.53 2.03 -29.81
N GLY A 3 5.21 2.14 -29.72
CA GLY A 3 4.36 1.21 -30.44
C GLY A 3 2.89 1.58 -30.34
N THR A 4 2.08 0.59 -30.62
CA THR A 4 0.65 0.75 -30.63
C THR A 4 0.04 0.24 -29.34
N SER A 5 -0.78 1.08 -28.74
CA SER A 5 -1.47 0.70 -27.52
C SER A 5 -2.52 -0.33 -27.81
N THR A 6 -2.56 -1.36 -26.99
CA THR A 6 -3.54 -2.39 -27.15
C THR A 6 -3.91 -3.01 -25.83
N VAL A 7 -4.73 -4.05 -25.88
CA VAL A 7 -5.18 -4.70 -24.67
C VAL A 7 -5.01 -6.18 -24.73
N GLY A 8 -4.37 -6.73 -23.70
CA GLY A 8 -4.17 -8.16 -23.64
C GLY A 8 -5.02 -8.77 -22.54
N VAL A 9 -4.95 -10.08 -22.43
CA VAL A 9 -5.68 -10.78 -21.41
C VAL A 9 -4.80 -11.84 -20.76
N GLY A 10 -4.97 -12.01 -19.47
CA GLY A 10 -4.18 -12.97 -18.76
C GLY A 10 -4.84 -13.39 -17.47
N ARG A 11 -4.12 -14.24 -16.75
CA ARG A 11 -4.55 -14.78 -15.49
C ARG A 11 -3.61 -14.33 -14.39
N GLY A 12 -4.18 -13.87 -13.28
CA GLY A 12 -3.39 -13.40 -12.16
C GLY A 12 -2.96 -14.52 -11.20
N VAL A 13 -2.21 -14.11 -10.18
CA VAL A 13 -1.70 -15.04 -9.18
C VAL A 13 -2.80 -15.93 -8.60
N LEU A 14 -3.98 -15.37 -8.38
CA LEU A 14 -5.08 -16.12 -7.81
C LEU A 14 -5.91 -16.88 -8.84
N GLY A 15 -5.45 -16.88 -10.08
CA GLY A 15 -6.14 -17.62 -11.14
C GLY A 15 -7.30 -16.84 -11.76
N ASP A 16 -7.42 -15.60 -11.40
CA ASP A 16 -8.45 -14.75 -11.94
C ASP A 16 -8.04 -14.20 -13.29
N GLN A 17 -8.99 -14.04 -14.17
CA GLN A 17 -8.72 -13.50 -15.47
C GLN A 17 -8.94 -12.02 -15.50
N LYS A 18 -8.11 -11.32 -16.25
CA LYS A 18 -8.25 -9.89 -16.36
C LYS A 18 -7.60 -9.37 -17.61
N ASN A 19 -8.02 -8.18 -18.02
CA ASN A 19 -7.46 -7.53 -19.18
C ASN A 19 -6.37 -6.59 -18.73
N ILE A 20 -5.32 -6.50 -19.53
CA ILE A 20 -4.23 -5.60 -19.21
C ILE A 20 -3.86 -4.73 -20.40
N ASN A 21 -3.43 -3.49 -20.09
CA ASN A 21 -2.98 -2.56 -21.12
C ASN A 21 -1.56 -2.85 -21.56
N THR A 22 -1.40 -3.18 -22.83
CA THR A 22 -0.09 -3.50 -23.37
C THR A 22 0.29 -2.58 -24.52
N THR A 23 1.52 -2.75 -25.01
CA THR A 23 2.04 -1.97 -26.12
C THR A 23 2.60 -2.88 -27.19
N TYR A 24 2.16 -2.66 -28.43
CA TYR A 24 2.58 -3.50 -29.54
C TYR A 24 3.70 -2.91 -30.41
N SER A 25 4.79 -3.69 -30.51
CA SER A 25 5.94 -3.38 -31.35
C SER A 25 6.79 -4.62 -31.55
N THR A 26 6.42 -5.42 -32.54
CA THR A 26 7.04 -6.72 -32.78
C THR A 26 6.56 -7.71 -31.74
N TYR A 27 6.83 -7.37 -30.48
CA TYR A 27 6.32 -8.12 -29.34
C TYR A 27 5.23 -7.31 -28.65
N TYR A 28 4.51 -7.95 -27.73
CA TYR A 28 3.55 -7.29 -26.89
C TYR A 28 4.18 -7.03 -25.54
N TYR A 29 4.33 -5.77 -25.18
CA TYR A 29 4.98 -5.42 -23.93
C TYR A 29 4.02 -5.01 -22.84
N LEU A 30 4.42 -5.30 -21.59
CA LEU A 30 3.66 -4.86 -20.44
C LEU A 30 3.97 -3.39 -20.20
N GLN A 31 3.38 -2.57 -21.05
CA GLN A 31 3.54 -1.13 -21.02
C GLN A 31 2.18 -0.46 -21.21
N ASP A 32 1.68 0.13 -20.16
CA ASP A 32 0.40 0.79 -20.17
C ASP A 32 0.56 2.26 -20.45
N ASN A 33 0.17 2.69 -21.65
CA ASN A 33 0.32 4.09 -22.03
C ASN A 33 -0.86 4.97 -21.65
N THR A 34 -1.89 4.35 -21.12
CA THR A 34 -3.11 5.05 -20.74
C THR A 34 -3.02 5.82 -19.43
N ARG A 35 -2.00 5.56 -18.62
CA ARG A 35 -1.88 6.22 -17.32
C ARG A 35 -0.62 7.04 -17.17
N GLY A 36 -0.81 8.36 -17.06
CA GLY A 36 0.32 9.29 -16.93
C GLY A 36 1.40 8.99 -17.95
N ASN A 37 2.64 8.91 -17.48
CA ASN A 37 3.75 8.63 -18.37
C ASN A 37 3.96 7.14 -18.60
N GLY A 38 3.01 6.34 -18.15
CA GLY A 38 3.06 4.91 -18.38
C GLY A 38 3.33 4.06 -17.14
N ILE A 39 2.92 2.81 -17.25
CA ILE A 39 3.18 1.79 -16.26
C ILE A 39 3.97 0.68 -16.93
N PHE A 40 5.17 0.42 -16.40
CA PHE A 40 6.09 -0.58 -16.95
C PHE A 40 6.37 -1.73 -15.98
N THR A 41 6.20 -2.94 -16.48
CA THR A 41 6.44 -4.14 -15.71
C THR A 41 7.59 -4.95 -16.31
N TYR A 42 8.54 -5.31 -15.44
CA TYR A 42 9.77 -6.01 -15.87
C TYR A 42 9.92 -7.40 -15.30
N ASP A 43 10.72 -8.17 -15.99
CA ASP A 43 11.06 -9.50 -15.57
C ASP A 43 12.47 -9.49 -14.99
N ALA A 44 12.60 -9.82 -13.68
CA ALA A 44 13.92 -9.85 -13.05
C ALA A 44 14.60 -11.22 -13.20
N LYS A 45 13.86 -12.16 -13.79
CA LYS A 45 14.39 -13.49 -14.12
C LYS A 45 15.12 -14.19 -12.99
N TYR A 46 14.59 -14.08 -11.77
CA TYR A 46 15.16 -14.75 -10.63
C TYR A 46 16.45 -14.16 -10.18
N ARG A 47 16.87 -13.07 -10.81
CA ARG A 47 18.09 -12.38 -10.41
C ARG A 47 17.77 -11.19 -9.51
N THR A 48 18.80 -10.49 -9.05
CA THR A 48 18.62 -9.33 -8.18
C THR A 48 19.06 -8.02 -8.83
N THR A 49 19.40 -8.09 -10.11
CA THR A 49 19.76 -6.89 -10.84
C THR A 49 18.51 -6.25 -11.40
N LEU A 50 18.39 -4.95 -11.17
CA LEU A 50 17.19 -4.23 -11.51
C LEU A 50 17.41 -3.23 -12.60
N PRO A 51 16.35 -2.96 -13.39
CA PRO A 51 15.02 -3.54 -13.18
C PRO A 51 14.80 -4.87 -13.91
N GLY A 52 15.75 -5.24 -14.74
CA GLY A 52 15.59 -6.44 -15.54
C GLY A 52 15.16 -6.04 -16.93
N SER A 53 14.39 -6.88 -17.60
CA SER A 53 13.96 -6.51 -18.93
C SER A 53 12.46 -6.33 -19.06
N LEU A 54 12.07 -5.26 -19.74
CA LEU A 54 10.68 -4.96 -19.96
C LEU A 54 9.97 -6.19 -20.45
N TRP A 55 8.86 -6.51 -19.81
CA TRP A 55 8.12 -7.72 -20.14
C TRP A 55 7.62 -7.77 -21.58
N ALA A 56 8.12 -8.78 -22.31
CA ALA A 56 7.75 -9.00 -23.70
C ALA A 56 7.00 -10.32 -23.89
N ASP A 57 5.93 -10.26 -24.64
CA ASP A 57 5.12 -11.43 -24.94
C ASP A 57 4.82 -11.50 -26.42
N ALA A 58 4.77 -12.70 -26.96
CA ALA A 58 4.57 -12.87 -28.38
C ALA A 58 3.13 -12.76 -28.87
N ASP A 59 2.17 -13.15 -28.05
CA ASP A 59 0.80 -13.18 -28.52
C ASP A 59 -0.20 -12.31 -27.76
N ASN A 60 0.27 -11.54 -26.78
CA ASN A 60 -0.64 -10.69 -26.03
C ASN A 60 -1.56 -11.48 -25.07
N GLN A 61 -1.22 -12.77 -24.86
CA GLN A 61 -1.97 -13.62 -23.95
C GLN A 61 -1.05 -14.05 -22.82
N PHE A 62 -1.46 -13.76 -21.59
CA PHE A 62 -0.63 -14.07 -20.44
C PHE A 62 -1.23 -15.10 -19.52
N PHE A 63 -1.28 -16.34 -20.00
CA PHE A 63 -1.88 -17.39 -19.19
C PHE A 63 -0.88 -18.36 -18.60
N ALA A 64 0.39 -18.15 -18.87
CA ALA A 64 1.44 -19.01 -18.30
C ALA A 64 1.65 -18.73 -16.82
N SER A 65 2.01 -19.76 -16.08
CA SER A 65 2.24 -19.58 -14.66
C SER A 65 3.29 -18.53 -14.38
N TYR A 66 4.34 -18.54 -15.20
CA TYR A 66 5.41 -17.58 -15.06
C TYR A 66 4.90 -16.13 -15.24
N ASP A 67 3.80 -15.96 -16.00
CA ASP A 67 3.21 -14.64 -16.28
C ASP A 67 2.41 -14.04 -15.12
N ALA A 68 1.76 -14.90 -14.34
CA ALA A 68 0.84 -14.49 -13.28
C ALA A 68 1.24 -13.25 -12.49
N PRO A 69 2.42 -13.30 -11.90
CA PRO A 69 2.88 -12.20 -11.09
C PRO A 69 2.99 -10.89 -11.87
N ALA A 70 3.39 -11.00 -13.13
CA ALA A 70 3.53 -9.80 -13.97
C ALA A 70 2.16 -9.21 -14.26
N VAL A 71 1.23 -10.08 -14.54
CA VAL A 71 -0.12 -9.65 -14.79
C VAL A 71 -0.64 -8.80 -13.63
N ASP A 72 -0.50 -9.35 -12.43
CA ASP A 72 -0.99 -8.70 -11.24
C ASP A 72 -0.26 -7.40 -10.90
N ALA A 73 1.07 -7.43 -10.96
CA ALA A 73 1.83 -6.23 -10.67
C ALA A 73 1.43 -5.10 -11.59
N HIS A 74 1.30 -5.43 -12.86
CA HIS A 74 0.92 -4.48 -13.89
C HIS A 74 -0.50 -3.94 -13.67
N TYR A 75 -1.42 -4.87 -13.47
CA TYR A 75 -2.80 -4.54 -13.27
C TYR A 75 -3.06 -3.73 -11.99
N TYR A 76 -2.52 -4.22 -10.87
CA TYR A 76 -2.75 -3.56 -9.59
C TYR A 76 -2.13 -2.18 -9.51
N ALA A 77 -1.03 -1.99 -10.22
CA ALA A 77 -0.39 -0.69 -10.27
C ALA A 77 -1.34 0.31 -10.88
N GLY A 78 -2.00 -0.11 -11.99
CA GLY A 78 -2.98 0.72 -12.69
C GLY A 78 -4.15 1.13 -11.76
N VAL A 79 -4.67 0.15 -11.03
CA VAL A 79 -5.75 0.39 -10.10
C VAL A 79 -5.36 1.41 -9.05
N THR A 80 -4.14 1.25 -8.54
CA THR A 80 -3.61 2.14 -7.55
C THR A 80 -3.46 3.55 -8.09
N TYR A 81 -2.99 3.64 -9.32
CA TYR A 81 -2.83 4.94 -9.98
C TYR A 81 -4.18 5.64 -10.08
N ASP A 82 -5.18 4.86 -10.46
CA ASP A 82 -6.51 5.37 -10.61
C ASP A 82 -7.06 5.90 -9.32
N TYR A 83 -6.82 5.14 -8.24
CA TYR A 83 -7.27 5.53 -6.93
C TYR A 83 -6.76 6.91 -6.58
N TYR A 84 -5.44 7.10 -6.69
CA TYR A 84 -4.82 8.37 -6.36
C TYR A 84 -5.32 9.50 -7.23
N LYS A 85 -5.53 9.20 -8.48
CA LYS A 85 -6.00 10.19 -9.41
C LYS A 85 -7.42 10.58 -9.15
N ASN A 86 -8.28 9.57 -9.12
CA ASN A 86 -9.71 9.78 -8.97
C ASN A 86 -10.10 10.27 -7.61
N VAL A 87 -9.42 9.78 -6.60
CA VAL A 87 -9.77 10.09 -5.25
C VAL A 87 -9.08 11.30 -4.69
N HIS A 88 -7.78 11.39 -4.89
CA HIS A 88 -7.04 12.47 -4.28
C HIS A 88 -6.58 13.49 -5.26
N ASN A 89 -6.88 13.27 -6.52
CA ASN A 89 -6.47 14.19 -7.53
C ASN A 89 -4.96 14.24 -7.65
N ARG A 90 -4.34 13.09 -7.45
CA ARG A 90 -2.90 12.99 -7.54
C ARG A 90 -2.48 12.24 -8.78
N LEU A 91 -1.52 12.81 -9.51
CA LEU A 91 -1.00 12.22 -10.74
C LEU A 91 0.28 11.47 -10.46
N SER A 92 0.16 10.14 -10.37
CA SER A 92 1.30 9.30 -10.05
C SER A 92 1.85 9.61 -8.65
N TYR A 93 2.89 8.93 -8.26
CA TYR A 93 3.46 9.10 -6.95
C TYR A 93 4.12 10.43 -6.73
N ASP A 94 4.58 11.06 -7.80
CA ASP A 94 5.24 12.33 -7.69
C ASP A 94 4.31 13.49 -7.93
N GLY A 95 3.10 13.16 -8.31
CA GLY A 95 2.11 14.18 -8.59
C GLY A 95 2.36 14.83 -9.94
N ASN A 96 3.30 14.30 -10.67
CA ASN A 96 3.62 14.84 -11.94
C ASN A 96 3.61 13.78 -13.04
N ASN A 97 2.86 12.71 -12.78
CA ASN A 97 2.70 11.61 -13.72
C ASN A 97 3.97 10.81 -14.00
N ALA A 98 4.83 10.67 -13.01
CA ALA A 98 6.04 9.87 -13.18
C ALA A 98 5.70 8.43 -13.61
N ALA A 99 6.54 7.86 -14.49
CA ALA A 99 6.34 6.48 -14.94
C ALA A 99 6.44 5.54 -13.78
N ILE A 100 5.56 4.57 -13.72
CA ILE A 100 5.57 3.61 -12.63
C ILE A 100 6.21 2.31 -13.05
N ARG A 101 7.24 1.91 -12.35
CA ARG A 101 7.95 0.70 -12.73
C ARG A 101 7.96 -0.35 -11.66
N SER A 102 7.77 -1.58 -12.09
CA SER A 102 7.77 -2.72 -11.21
C SER A 102 8.55 -3.86 -11.81
N SER A 103 9.26 -4.58 -10.97
CA SER A 103 9.94 -5.77 -11.38
C SER A 103 9.42 -6.95 -10.60
N VAL A 104 9.19 -8.08 -11.29
CA VAL A 104 8.73 -9.29 -10.63
C VAL A 104 9.74 -10.41 -10.83
N HIS A 105 9.50 -11.56 -10.17
CA HIS A 105 10.42 -12.68 -10.26
C HIS A 105 11.78 -12.29 -9.73
N TYR A 106 11.76 -11.44 -8.73
CA TYR A 106 12.96 -10.96 -8.11
C TYR A 106 13.57 -12.04 -7.22
N SER A 107 14.83 -12.38 -7.51
CA SER A 107 15.51 -13.37 -6.71
C SER A 107 14.84 -14.75 -6.76
N GLN A 108 15.23 -15.61 -5.81
CA GLN A 108 14.69 -16.95 -5.70
C GLN A 108 14.06 -17.17 -4.35
N GLY A 109 12.76 -17.50 -4.34
CA GLY A 109 12.01 -17.76 -3.10
C GLY A 109 12.05 -16.57 -2.14
N TYR A 110 12.03 -15.37 -2.73
CA TYR A 110 12.08 -14.14 -1.98
C TYR A 110 10.73 -13.78 -1.34
N ASN A 111 10.71 -13.79 0.00
CA ASN A 111 9.52 -13.51 0.81
C ASN A 111 9.37 -12.06 1.18
N ASN A 112 9.45 -11.19 0.21
CA ASN A 112 9.29 -9.79 0.49
C ASN A 112 9.06 -8.98 -0.76
N ALA A 113 8.88 -7.68 -0.56
CA ALA A 113 8.71 -6.70 -1.60
C ALA A 113 9.26 -5.39 -1.10
N PHE A 114 9.49 -4.45 -2.00
CA PHE A 114 10.03 -3.19 -1.57
C PHE A 114 10.04 -2.14 -2.65
N TRP A 115 10.13 -0.90 -2.17
CA TRP A 115 10.32 0.27 -2.99
C TRP A 115 11.80 0.62 -2.85
N ASN A 116 12.55 0.58 -3.93
CA ASN A 116 13.99 0.78 -3.84
C ASN A 116 14.41 2.21 -4.01
N GLY A 117 13.45 3.11 -3.95
CA GLY A 117 13.71 4.51 -4.12
C GLY A 117 13.44 4.96 -5.56
N SER A 118 13.33 3.99 -6.48
CA SER A 118 13.11 4.30 -7.89
C SER A 118 12.00 3.46 -8.49
N GLN A 119 11.75 2.31 -7.89
CA GLN A 119 10.74 1.39 -8.42
C GLN A 119 10.30 0.36 -7.40
N MET A 120 9.27 -0.36 -7.79
CA MET A 120 8.73 -1.46 -6.99
C MET A 120 9.35 -2.78 -7.38
N VAL A 121 9.52 -3.64 -6.37
CA VAL A 121 10.11 -4.95 -6.54
C VAL A 121 9.32 -6.00 -5.78
N TYR A 122 9.06 -7.14 -6.43
CA TYR A 122 8.28 -8.22 -5.83
C TYR A 122 8.93 -9.55 -5.95
N GLY A 123 9.03 -10.25 -4.82
CA GLY A 123 9.53 -11.62 -4.81
C GLY A 123 8.39 -12.57 -5.13
N ASP A 124 8.74 -13.85 -5.39
CA ASP A 124 7.74 -14.86 -5.70
C ASP A 124 7.30 -15.64 -4.47
N GLY A 125 8.02 -15.45 -3.37
CA GLY A 125 7.73 -16.17 -2.16
C GLY A 125 8.32 -17.58 -2.23
N ASP A 126 8.36 -18.26 -1.12
CA ASP A 126 8.91 -19.60 -1.08
C ASP A 126 7.83 -20.64 -1.34
N GLY A 127 6.62 -20.16 -1.57
CA GLY A 127 5.48 -21.03 -1.85
C GLY A 127 4.88 -21.64 -0.59
N GLN A 128 5.46 -21.29 0.55
CA GLN A 128 4.97 -21.80 1.80
C GLN A 128 4.54 -20.69 2.71
N THR A 129 5.41 -19.71 2.84
CA THR A 129 5.10 -18.55 3.63
C THR A 129 4.34 -17.55 2.78
N PHE A 130 4.72 -17.47 1.52
CA PHE A 130 4.12 -16.56 0.58
C PHE A 130 4.04 -17.16 -0.78
N ILE A 131 3.16 -16.57 -1.58
CA ILE A 131 3.08 -16.77 -2.99
C ILE A 131 3.41 -15.42 -3.59
N PRO A 132 3.70 -15.36 -4.88
CA PRO A 132 4.09 -14.11 -5.46
C PRO A 132 3.33 -12.92 -4.90
N LEU A 133 4.10 -12.02 -4.27
CA LEU A 133 3.57 -10.87 -3.54
C LEU A 133 2.67 -9.91 -4.32
N SER A 134 2.87 -9.81 -5.62
CA SER A 134 2.06 -8.90 -6.43
C SER A 134 0.60 -9.37 -6.54
N GLY A 135 0.30 -10.54 -6.00
CA GLY A 135 -1.05 -11.08 -6.08
C GLY A 135 -2.02 -10.40 -5.11
N GLY A 136 -1.47 -9.59 -4.22
CA GLY A 136 -2.27 -8.89 -3.23
C GLY A 136 -2.35 -7.40 -3.54
N ILE A 137 -3.55 -6.95 -3.83
CA ILE A 137 -3.74 -5.57 -4.16
C ILE A 137 -3.29 -4.63 -3.03
N ASP A 138 -3.54 -5.01 -1.76
CA ASP A 138 -3.11 -4.17 -0.64
C ASP A 138 -1.59 -4.06 -0.60
N VAL A 139 -0.93 -5.14 -1.02
CA VAL A 139 0.52 -5.19 -1.09
C VAL A 139 1.05 -4.21 -2.13
N VAL A 140 0.47 -4.28 -3.35
CA VAL A 140 0.88 -3.39 -4.41
C VAL A 140 0.68 -1.94 -4.01
N ALA A 141 -0.48 -1.65 -3.45
CA ALA A 141 -0.80 -0.29 -3.02
C ALA A 141 0.11 0.17 -1.88
N HIS A 142 0.46 -0.77 -1.01
CA HIS A 142 1.38 -0.49 0.10
C HIS A 142 2.72 -0.03 -0.46
N GLU A 143 3.24 -0.81 -1.42
CA GLU A 143 4.50 -0.50 -2.06
C GLU A 143 4.47 0.86 -2.75
N LEU A 144 3.42 1.08 -3.53
CA LEU A 144 3.28 2.32 -4.28
C LEU A 144 3.15 3.54 -3.36
N THR A 145 2.52 3.33 -2.22
CA THR A 145 2.36 4.39 -1.26
C THR A 145 3.68 4.82 -0.64
N HIS A 146 4.61 3.87 -0.52
CA HIS A 146 5.93 4.20 -0.03
C HIS A 146 6.55 5.29 -0.91
N ALA A 147 6.28 5.19 -2.21
CA ALA A 147 6.76 6.17 -3.17
C ALA A 147 6.10 7.51 -2.93
N VAL A 148 4.78 7.47 -2.76
CA VAL A 148 4.03 8.67 -2.50
C VAL A 148 4.60 9.40 -1.29
N THR A 149 4.79 8.63 -0.21
CA THR A 149 5.35 9.18 1.02
C THR A 149 6.72 9.84 0.76
N ASP A 150 7.58 9.13 0.03
CA ASP A 150 8.91 9.62 -0.29
C ASP A 150 8.88 10.99 -0.98
N TYR A 151 7.90 11.17 -1.87
CA TYR A 151 7.80 12.41 -2.62
C TYR A 151 7.10 13.51 -1.88
N THR A 152 6.50 13.16 -0.74
CA THR A 152 5.78 14.14 0.03
C THR A 152 6.43 14.42 1.38
N ALA A 153 5.88 13.83 2.45
CA ALA A 153 6.40 14.02 3.80
C ALA A 153 7.87 13.59 3.96
N GLY A 154 8.26 12.53 3.25
CA GLY A 154 9.64 12.06 3.32
C GLY A 154 10.00 11.43 4.68
N LEU A 155 9.00 10.94 5.39
CA LEU A 155 9.22 10.33 6.68
C LEU A 155 10.43 9.39 6.67
N ILE A 156 11.42 9.64 7.53
CA ILE A 156 12.59 8.76 7.54
C ILE A 156 12.23 7.33 8.01
N TYR A 157 12.82 6.33 7.36
CA TYR A 157 12.50 4.95 7.63
C TYR A 157 13.08 4.40 8.91
N GLN A 158 12.74 5.03 10.03
CA GLN A 158 13.20 4.52 11.31
C GLN A 158 12.44 5.08 12.46
N ASN A 159 12.41 4.31 13.53
CA ASN A 159 11.73 4.71 14.73
C ASN A 159 10.30 5.16 14.46
N GLU A 160 9.86 6.22 15.14
CA GLU A 160 8.48 6.68 15.02
C GLU A 160 8.10 7.16 13.66
N SER A 161 8.99 7.92 13.04
CA SER A 161 8.67 8.43 11.73
C SER A 161 8.52 7.28 10.76
N GLY A 162 9.36 6.26 10.95
CA GLY A 162 9.32 5.07 10.12
C GLY A 162 8.03 4.26 10.36
N ALA A 163 7.56 4.27 11.60
CA ALA A 163 6.33 3.59 11.92
C ALA A 163 5.17 4.26 11.21
N ILE A 164 5.22 5.60 11.18
CA ILE A 164 4.20 6.38 10.49
C ILE A 164 4.23 6.08 9.01
N ASN A 165 5.44 6.03 8.49
CA ASN A 165 5.66 5.71 7.12
C ASN A 165 4.95 4.41 6.76
N GLU A 166 5.16 3.40 7.61
CA GLU A 166 4.55 2.07 7.43
C GLU A 166 3.03 2.10 7.51
N ALA A 167 2.51 2.76 8.55
CA ALA A 167 1.08 2.88 8.74
C ALA A 167 0.42 3.48 7.51
N ILE A 168 1.02 4.54 6.99
CA ILE A 168 0.50 5.20 5.81
C ILE A 168 0.28 4.20 4.71
N SER A 169 1.32 3.39 4.45
CA SER A 169 1.28 2.35 3.42
C SER A 169 0.19 1.30 3.67
N ASP A 170 -0.02 0.95 4.93
CA ASP A 170 -1.05 -0.02 5.28
C ASP A 170 -2.46 0.55 5.08
N ILE A 171 -2.64 1.79 5.55
CA ILE A 171 -3.91 2.48 5.44
C ILE A 171 -4.33 2.63 3.98
N PHE A 172 -3.47 3.28 3.21
CA PHE A 172 -3.74 3.46 1.80
C PHE A 172 -3.82 2.15 1.04
N GLY A 173 -3.00 1.18 1.44
CA GLY A 173 -3.08 -0.10 0.79
C GLY A 173 -4.49 -0.69 0.99
N THR A 174 -5.01 -0.49 2.18
CA THR A 174 -6.32 -0.97 2.54
C THR A 174 -7.42 -0.22 1.81
N LEU A 175 -7.29 1.10 1.75
CA LEU A 175 -8.26 1.94 1.07
C LEU A 175 -8.36 1.58 -0.40
N VAL A 176 -7.22 1.26 -0.99
CA VAL A 176 -7.20 0.87 -2.38
C VAL A 176 -7.93 -0.46 -2.56
N GLU A 177 -7.70 -1.35 -1.61
CA GLU A 177 -8.39 -2.62 -1.59
C GLU A 177 -9.90 -2.40 -1.59
N PHE A 178 -10.37 -1.46 -0.76
CA PHE A 178 -11.79 -1.14 -0.71
C PHE A 178 -12.25 -0.51 -2.00
N TYR A 179 -11.39 0.32 -2.57
CA TYR A 179 -11.67 1.01 -3.81
C TYR A 179 -11.92 0.05 -4.96
N ALA A 180 -11.14 -1.00 -5.02
CA ALA A 180 -11.28 -1.99 -6.06
C ALA A 180 -12.38 -2.96 -5.72
N ASN A 181 -12.84 -2.90 -4.49
CA ASN A 181 -13.89 -3.77 -4.03
C ASN A 181 -13.51 -5.22 -4.22
N LYS A 182 -12.25 -5.53 -3.97
CA LYS A 182 -11.76 -6.89 -4.09
C LYS A 182 -11.75 -7.60 -2.74
N ASN A 183 -12.91 -8.11 -2.32
CA ASN A 183 -12.98 -8.79 -1.01
C ASN A 183 -12.26 -7.96 0.05
N PRO A 184 -12.64 -6.70 0.16
CA PRO A 184 -11.98 -5.76 1.05
C PRO A 184 -12.04 -6.17 2.49
N ASP A 185 -10.98 -5.82 3.21
CA ASP A 185 -10.87 -6.05 4.63
C ASP A 185 -9.87 -5.12 5.26
N TRP A 186 -9.74 -5.22 6.57
CA TRP A 186 -8.81 -4.44 7.33
C TRP A 186 -7.59 -5.24 7.70
N GLU A 187 -7.32 -6.23 6.87
CA GLU A 187 -6.17 -7.08 7.06
C GLU A 187 -5.14 -6.80 5.99
N ILE A 188 -3.89 -7.12 6.28
CA ILE A 188 -2.82 -6.87 5.34
C ILE A 188 -2.20 -8.17 4.74
N GLY A 189 -2.23 -8.28 3.40
CA GLY A 189 -1.58 -9.38 2.66
C GLY A 189 -2.23 -10.76 2.80
N GLU A 190 -3.49 -10.80 3.20
CA GLU A 190 -4.20 -12.06 3.38
C GLU A 190 -4.25 -12.90 2.12
N ASP A 191 -4.19 -12.23 0.97
CA ASP A 191 -4.31 -12.90 -0.31
C ASP A 191 -3.08 -13.69 -0.77
N VAL A 192 -1.89 -13.36 -0.22
CA VAL A 192 -0.65 -14.04 -0.66
C VAL A 192 0.11 -14.67 0.47
N TYR A 193 -0.44 -14.56 1.65
CA TYR A 193 0.19 -15.07 2.85
C TYR A 193 -0.30 -16.49 3.20
N THR A 194 0.65 -17.38 3.56
CA THR A 194 0.33 -18.76 3.98
C THR A 194 -0.79 -19.38 3.17
N PRO A 195 -0.40 -19.78 2.00
CA PRO A 195 -1.21 -20.34 0.92
C PRO A 195 -2.41 -21.30 1.17
N GLY A 196 -2.38 -22.19 2.16
CA GLY A 196 -1.46 -22.29 3.23
C GLY A 196 -2.29 -22.44 4.49
N ILE A 197 -2.66 -21.31 5.04
CA ILE A 197 -3.50 -21.26 6.20
C ILE A 197 -4.59 -20.24 5.94
N SER A 198 -5.82 -20.69 5.93
CA SER A 198 -6.91 -19.77 5.66
C SER A 198 -7.23 -18.92 6.88
N GLY A 199 -7.83 -17.76 6.63
CA GLY A 199 -8.27 -16.88 7.70
C GLY A 199 -7.16 -16.03 8.30
N ASP A 200 -5.91 -16.31 7.95
CA ASP A 200 -4.82 -15.54 8.53
C ASP A 200 -4.39 -14.37 7.64
N SER A 201 -3.48 -13.57 8.18
CA SER A 201 -2.95 -12.40 7.50
C SER A 201 -1.65 -11.99 8.12
N LEU A 202 -0.93 -11.13 7.42
CA LEU A 202 0.37 -10.65 7.89
C LEU A 202 0.19 -9.70 9.06
N ARG A 203 -0.71 -8.76 8.88
CA ARG A 203 -1.00 -7.76 9.88
C ARG A 203 -2.45 -7.51 9.92
N SER A 204 -2.92 -7.03 11.05
CA SER A 204 -4.30 -6.68 11.21
C SER A 204 -4.43 -5.25 11.64
N MET A 205 -5.29 -4.48 10.97
CA MET A 205 -5.50 -3.10 11.35
C MET A 205 -6.58 -3.00 12.42
N SER A 206 -7.56 -3.89 12.32
CA SER A 206 -8.68 -3.93 13.26
C SER A 206 -8.26 -4.46 14.61
N ASP A 207 -7.31 -5.40 14.60
CA ASP A 207 -6.78 -5.95 15.83
C ASP A 207 -5.34 -6.36 15.69
N PRO A 208 -4.47 -5.37 15.71
CA PRO A 208 -3.06 -5.60 15.54
C PRO A 208 -2.49 -6.65 16.49
N ALA A 209 -3.01 -6.66 17.72
CA ALA A 209 -2.51 -7.56 18.77
C ALA A 209 -2.68 -9.02 18.40
N LYS A 210 -3.59 -9.27 17.51
CA LYS A 210 -3.86 -10.61 17.05
C LYS A 210 -2.58 -11.28 16.56
N TYR A 211 -1.68 -10.46 15.99
CA TYR A 211 -0.41 -10.96 15.49
C TYR A 211 0.76 -10.46 16.29
N GLY A 212 0.49 -10.05 17.52
CA GLY A 212 1.55 -9.60 18.40
C GLY A 212 2.01 -8.17 18.19
N ASP A 213 1.25 -7.39 17.46
CA ASP A 213 1.61 -5.99 17.26
C ASP A 213 0.91 -5.10 18.28
N PRO A 214 1.61 -4.05 18.72
CA PRO A 214 1.06 -3.14 19.70
C PRO A 214 -0.18 -2.40 19.19
N ASP A 215 -1.16 -2.24 20.09
CA ASP A 215 -2.39 -1.55 19.79
C ASP A 215 -2.61 -0.40 20.77
N HIS A 216 -1.55 -0.10 21.50
CA HIS A 216 -1.55 0.96 22.48
C HIS A 216 -0.15 1.52 22.66
N TYR A 217 -0.05 2.86 22.72
CA TYR A 217 1.26 3.54 22.84
C TYR A 217 2.14 3.00 23.95
N SER A 218 1.51 2.50 25.00
CA SER A 218 2.24 1.96 26.14
C SER A 218 2.94 0.66 25.80
N LYS A 219 2.51 0.03 24.72
CA LYS A 219 3.06 -1.24 24.31
C LYS A 219 4.04 -1.14 23.17
N ARG A 220 4.46 0.10 22.88
CA ARG A 220 5.38 0.35 21.78
C ARG A 220 6.71 -0.35 21.96
N TYR A 221 7.21 -0.87 20.84
CA TYR A 221 8.49 -1.54 20.82
C TYR A 221 9.60 -0.52 20.77
N THR A 222 10.59 -0.66 21.65
CA THR A 222 11.66 0.31 21.70
C THR A 222 13.05 -0.24 21.39
N GLY A 223 13.10 -1.48 20.94
CA GLY A 223 14.35 -2.11 20.55
C GLY A 223 14.90 -1.54 19.23
N THR A 224 15.78 -2.30 18.59
CA THR A 224 16.44 -1.84 17.38
C THR A 224 16.08 -2.64 16.16
N GLN A 225 15.45 -3.78 16.38
CA GLN A 225 15.06 -4.60 15.26
C GLN A 225 14.11 -3.85 14.35
N ASP A 226 13.97 -4.34 13.14
CA ASP A 226 13.04 -3.78 12.18
C ASP A 226 13.17 -2.28 12.10
N ASN A 227 14.39 -1.79 12.00
CA ASN A 227 14.63 -0.37 11.94
C ASN A 227 13.98 0.35 13.08
N GLY A 228 13.96 -0.29 14.23
CA GLY A 228 13.32 0.32 15.37
C GLY A 228 11.82 0.05 15.39
N GLY A 229 11.43 -1.10 14.81
CA GLY A 229 10.05 -1.60 14.82
C GLY A 229 9.07 -0.89 13.91
N VAL A 230 9.55 -0.48 12.73
CA VAL A 230 8.67 0.22 11.79
C VAL A 230 7.46 -0.61 11.39
N HIS A 231 7.67 -1.92 11.26
CA HIS A 231 6.59 -2.82 10.91
C HIS A 231 5.81 -3.29 12.15
N ILE A 232 6.28 -2.85 13.33
CA ILE A 232 5.65 -3.22 14.61
C ILE A 232 4.78 -2.11 15.16
N ASN A 233 5.39 -1.00 15.46
CA ASN A 233 4.69 0.11 16.04
C ASN A 233 3.65 0.70 15.13
N SER A 234 3.68 0.29 13.86
CA SER A 234 2.69 0.77 12.91
C SER A 234 1.29 0.35 13.35
N GLY A 235 1.22 -0.73 14.09
CA GLY A 235 -0.04 -1.24 14.59
C GLY A 235 -0.80 -0.20 15.40
N ILE A 236 -0.06 0.66 16.08
CA ILE A 236 -0.65 1.70 16.90
C ILE A 236 -1.44 2.68 16.05
N ILE A 237 -0.78 3.19 15.02
CA ILE A 237 -1.41 4.10 14.09
C ILE A 237 -2.50 3.40 13.31
N ASN A 238 -2.22 2.15 12.92
CA ASN A 238 -3.19 1.37 12.17
C ASN A 238 -4.49 1.22 12.95
N LYS A 239 -4.36 0.92 14.22
CA LYS A 239 -5.51 0.79 15.10
C LYS A 239 -6.30 2.11 15.14
N ALA A 240 -5.56 3.22 15.29
CA ALA A 240 -6.17 4.53 15.31
C ALA A 240 -6.98 4.78 14.07
N ALA A 241 -6.36 4.48 12.92
CA ALA A 241 -7.01 4.67 11.64
C ALA A 241 -8.30 3.87 11.54
N TYR A 242 -8.24 2.62 11.98
CA TYR A 242 -9.38 1.73 11.99
C TYR A 242 -10.54 2.34 12.78
N LEU A 243 -10.21 2.83 13.97
CA LEU A 243 -11.20 3.43 14.83
C LEU A 243 -11.84 4.65 14.20
N ILE A 244 -11.01 5.53 13.64
CA ILE A 244 -11.55 6.72 12.99
C ILE A 244 -12.61 6.37 11.95
N SER A 245 -12.30 5.35 11.14
CA SER A 245 -13.21 4.94 10.09
C SER A 245 -14.43 4.20 10.62
N GLN A 246 -14.17 3.11 11.31
CA GLN A 246 -15.19 2.19 11.77
C GLN A 246 -15.77 2.49 13.13
N GLY A 247 -14.99 3.12 13.97
CA GLY A 247 -15.45 3.41 15.31
C GLY A 247 -15.28 2.20 16.22
N GLY A 248 -15.61 2.39 17.48
CA GLY A 248 -15.51 1.33 18.46
C GLY A 248 -15.03 1.83 19.81
N THR A 249 -14.91 0.89 20.75
CA THR A 249 -14.42 1.17 22.09
C THR A 249 -13.15 0.38 22.35
N HIS A 250 -12.07 1.10 22.56
CA HIS A 250 -10.77 0.51 22.74
C HIS A 250 -10.17 1.03 24.02
N TYR A 251 -9.81 0.11 24.91
CA TYR A 251 -9.27 0.49 26.20
C TYR A 251 -10.18 1.47 26.96
N GLY A 252 -11.46 1.24 26.85
CA GLY A 252 -12.41 2.06 27.58
C GLY A 252 -12.81 3.35 26.88
N VAL A 253 -12.11 3.72 25.82
CA VAL A 253 -12.47 4.95 25.13
C VAL A 253 -13.26 4.70 23.87
N SER A 254 -14.39 5.39 23.76
CA SER A 254 -15.32 5.22 22.67
C SER A 254 -15.10 6.18 21.52
N VAL A 255 -15.07 5.63 20.32
CA VAL A 255 -14.85 6.38 19.11
C VAL A 255 -15.97 6.19 18.13
N VAL A 256 -16.53 7.28 17.67
CA VAL A 256 -17.56 7.28 16.64
C VAL A 256 -16.90 7.24 15.27
N GLY A 257 -17.22 6.20 14.48
CA GLY A 257 -16.62 6.08 13.16
C GLY A 257 -17.12 7.15 12.19
N ILE A 258 -16.22 7.66 11.33
CA ILE A 258 -16.62 8.65 10.34
C ILE A 258 -16.59 8.10 8.93
N GLY A 259 -16.08 6.88 8.78
CA GLY A 259 -16.04 6.24 7.47
C GLY A 259 -14.71 6.36 6.75
N ARG A 260 -14.52 5.43 5.82
CA ARG A 260 -13.31 5.30 5.00
C ARG A 260 -12.95 6.55 4.23
N ASP A 261 -13.91 7.07 3.49
CA ASP A 261 -13.65 8.21 2.64
C ASP A 261 -13.05 9.38 3.37
N LYS A 262 -13.65 9.69 4.50
CA LYS A 262 -13.15 10.79 5.31
C LYS A 262 -11.78 10.47 5.89
N LEU A 263 -11.59 9.21 6.26
CA LEU A 263 -10.30 8.78 6.77
C LEU A 263 -9.20 9.10 5.77
N GLY A 264 -9.46 8.71 4.53
CA GLY A 264 -8.53 8.91 3.43
C GLY A 264 -8.22 10.38 3.22
N LYS A 265 -9.28 11.21 3.19
CA LYS A 265 -9.10 12.64 3.00
C LYS A 265 -8.24 13.25 4.08
N ILE A 266 -8.59 12.91 5.34
CA ILE A 266 -7.86 13.40 6.49
C ILE A 266 -6.39 13.02 6.44
N PHE A 267 -6.13 11.71 6.23
CA PHE A 267 -4.78 11.21 6.19
C PHE A 267 -3.94 11.74 5.01
N TYR A 268 -4.58 11.82 3.85
CA TYR A 268 -3.90 12.33 2.66
C TYR A 268 -3.49 13.78 2.87
N ARG A 269 -4.38 14.55 3.49
CA ARG A 269 -4.09 15.93 3.74
C ARG A 269 -2.93 16.05 4.70
N ALA A 270 -2.96 15.25 5.76
CA ALA A 270 -1.89 15.26 6.73
C ALA A 270 -0.57 14.93 6.07
N LEU A 271 -0.62 13.89 5.24
CA LEU A 271 0.53 13.39 4.55
C LEU A 271 1.20 14.46 3.69
N THR A 272 0.38 15.15 2.93
CA THR A 272 0.86 16.08 1.94
C THR A 272 1.06 17.50 2.43
N GLN A 273 0.39 17.88 3.49
CA GLN A 273 0.49 19.26 3.96
C GLN A 273 1.23 19.48 5.26
N TYR A 274 1.10 18.53 6.19
CA TYR A 274 1.60 18.75 7.54
C TYR A 274 2.73 17.87 7.98
N LEU A 275 2.83 16.69 7.46
CA LEU A 275 3.89 15.81 7.93
C LEU A 275 5.25 16.19 7.40
N THR A 276 6.28 15.91 8.19
CA THR A 276 7.67 16.13 7.81
C THR A 276 8.49 14.85 8.01
N PRO A 277 9.68 14.83 7.46
CA PRO A 277 10.53 13.67 7.53
C PRO A 277 10.78 13.14 8.94
N THR A 278 10.77 14.03 9.94
CA THR A 278 11.05 13.61 11.32
C THR A 278 9.85 13.64 12.25
N SER A 279 8.66 13.71 11.68
CA SER A 279 7.45 13.73 12.47
C SER A 279 7.30 12.50 13.35
N ASN A 280 6.77 12.69 14.55
CA ASN A 280 6.53 11.56 15.45
C ASN A 280 5.04 11.34 15.65
N PHE A 281 4.71 10.33 16.45
CA PHE A 281 3.30 10.02 16.71
C PHE A 281 2.52 11.23 17.15
N SER A 282 3.05 11.91 18.14
CA SER A 282 2.41 13.08 18.66
C SER A 282 2.25 14.15 17.57
N GLN A 283 3.26 14.29 16.73
CA GLN A 283 3.18 15.24 15.66
C GLN A 283 2.11 14.80 14.65
N LEU A 284 1.99 13.48 14.48
CA LEU A 284 1.00 12.89 13.61
C LEU A 284 -0.40 13.26 14.11
N ARG A 285 -0.56 13.23 15.42
CA ARG A 285 -1.84 13.56 16.00
C ARG A 285 -2.26 14.97 15.66
N ALA A 286 -1.33 15.90 15.81
CA ALA A 286 -1.60 17.29 15.53
C ALA A 286 -1.91 17.53 14.07
N ALA A 287 -1.20 16.83 13.21
CA ALA A 287 -1.39 16.95 11.78
C ALA A 287 -2.76 16.46 11.38
N ALA A 288 -3.17 15.36 11.99
CA ALA A 288 -4.45 14.76 11.71
C ALA A 288 -5.61 15.65 12.12
N VAL A 289 -5.56 16.21 13.33
CA VAL A 289 -6.63 17.07 13.76
C VAL A 289 -6.66 18.39 13.01
N GLN A 290 -5.48 18.86 12.61
CA GLN A 290 -5.41 20.08 11.83
C GLN A 290 -6.08 19.88 10.49
N SER A 291 -5.84 18.73 9.90
CA SER A 291 -6.43 18.37 8.62
C SER A 291 -7.93 18.30 8.71
N ALA A 292 -8.42 17.53 9.68
CA ALA A 292 -9.85 17.39 9.90
C ALA A 292 -10.48 18.75 10.07
N THR A 293 -9.80 19.59 10.85
CA THR A 293 -10.23 20.94 11.12
C THR A 293 -10.38 21.72 9.84
N ASP A 294 -9.31 21.68 9.03
CA ASP A 294 -9.29 22.34 7.73
C ASP A 294 -10.48 21.91 6.90
N LEU A 295 -10.70 20.61 6.91
CA LEU A 295 -11.71 19.97 6.12
C LEU A 295 -13.13 20.13 6.63
N TYR A 296 -13.33 19.97 7.94
CA TYR A 296 -14.69 19.94 8.50
C TYR A 296 -15.00 20.94 9.63
N GLY A 297 -14.04 21.77 9.99
CA GLY A 297 -14.29 22.73 11.05
C GLY A 297 -13.94 22.17 12.42
N SER A 298 -13.48 23.06 13.29
CA SER A 298 -13.01 22.70 14.62
C SER A 298 -14.06 22.06 15.51
N THR A 299 -15.32 22.37 15.27
CA THR A 299 -16.38 21.84 16.10
C THR A 299 -17.04 20.63 15.49
N SER A 300 -16.45 20.12 14.42
CA SER A 300 -16.99 18.97 13.72
C SER A 300 -16.83 17.65 14.48
N GLN A 301 -17.69 16.71 14.14
CA GLN A 301 -17.63 15.37 14.68
C GLN A 301 -16.36 14.69 14.23
N GLU A 302 -15.95 15.04 13.01
CA GLU A 302 -14.76 14.49 12.40
C GLU A 302 -13.53 14.78 13.25
N VAL A 303 -13.41 16.03 13.68
CA VAL A 303 -12.31 16.40 14.55
C VAL A 303 -12.41 15.64 15.86
N ALA A 304 -13.64 15.55 16.35
CA ALA A 304 -13.92 14.84 17.58
C ALA A 304 -13.45 13.38 17.51
N SER A 305 -13.85 12.71 16.43
CA SER A 305 -13.49 11.31 16.25
C SER A 305 -12.00 11.10 16.10
N VAL A 306 -11.32 12.06 15.47
CA VAL A 306 -9.87 11.96 15.32
C VAL A 306 -9.19 12.00 16.70
N LYS A 307 -9.68 12.91 17.56
CA LYS A 307 -9.17 13.08 18.90
C LYS A 307 -9.37 11.83 19.76
N GLN A 308 -10.59 11.33 19.75
CA GLN A 308 -10.92 10.14 20.53
C GLN A 308 -10.05 8.94 20.12
N ALA A 309 -9.87 8.78 18.81
CA ALA A 309 -9.08 7.70 18.27
C ALA A 309 -7.64 7.73 18.78
N PHE A 310 -7.02 8.89 18.72
CA PHE A 310 -5.68 9.01 19.22
C PHE A 310 -5.63 8.83 20.71
N ASP A 311 -6.66 9.34 21.40
CA ASP A 311 -6.75 9.14 22.83
C ASP A 311 -6.81 7.66 23.13
N ALA A 312 -7.64 6.95 22.36
CA ALA A 312 -7.82 5.53 22.55
C ALA A 312 -6.53 4.71 22.46
N VAL A 313 -5.61 5.10 21.54
CA VAL A 313 -4.34 4.38 21.42
C VAL A 313 -3.25 4.98 22.29
N GLY A 314 -3.64 5.90 23.14
CA GLY A 314 -2.72 6.52 24.07
C GLY A 314 -1.70 7.45 23.42
N VAL A 315 -2.10 8.08 22.34
CA VAL A 315 -1.24 9.02 21.64
C VAL A 315 -1.71 10.46 21.88
N LYS A 316 -0.97 11.21 22.69
CA LYS A 316 -1.35 12.57 23.00
C LYS A 316 -0.43 13.60 22.36
#